data_1UA4
#
_entry.id   1UA4
#
_cell.length_a   112.677
_cell.length_b   88.948
_cell.length_c   103.355
_cell.angle_alpha   90.00
_cell.angle_beta   90.00
_cell.angle_gamma   90.00
#
_symmetry.space_group_name_H-M   'I 2 2 2'
#
loop_
_entity.id
_entity.type
_entity.pdbx_description
1 polymer 'ADP-dependent glucokinase'
2 non-polymer alpha-D-glucopyranose
3 non-polymer beta-D-glucopyranose
4 non-polymer 'ADENOSINE MONOPHOSPHATE'
5 water water
#
_entity_poly.entity_id   1
_entity_poly.type   'polypeptide(L)'
_entity_poly.pdbx_seq_one_letter_code
;MPTWEELYKNAIEKAIKSVPKVKGVLLGYNTNIDAIKYLDSKDLEERIIKAGKEEVIKYSEELPDKINTVSQLLGSILWS
IRRGKAAELFVESCPVRFYMKRWGWNELRMGGQAGIMANLLGGVYGVPVIVHVPQLSRLQANLFLDGPIYVPTLENGEVK
LIHPKEFSGDEENCIHYIYEFPRGFRVFEFEAPRENRFIGSADDYNTTLFIREEFRESFSEVIKNVQLAILSGLQALTKE
NYKEPFEIVKSNLEVLNEREIPVHLEFAFTPDEKVREEILNVLGMFYSVGLNEVELASIMEILGEKKLAKELLAHDPVDP
IAVTEAMLKLAKKTGVKRIHFHTYGYYLALTEYKGEHVRDALLFAALAAAAKAMKGNITSLEEIREATSVPVNEKATQVE
EKLRAEYGIKEGIGEVEGYQIAFIPTKIVAKPKSTVGIGDTISSSAFIGEFSFTL
;
_entity_poly.pdbx_strand_id   A
#
loop_
_chem_comp.id
_chem_comp.type
_chem_comp.name
_chem_comp.formula
AMP non-polymer 'ADENOSINE MONOPHOSPHATE' 'C10 H14 N5 O7 P'
BGC D-saccharide, beta linking beta-D-glucopyranose 'C6 H12 O6'
GLC D-saccharide, alpha linking alpha-D-glucopyranose 'C6 H12 O6'
#
# COMPACT_ATOMS: atom_id res chain seq x y z
N PRO A 2 29.36 -8.30 -3.60
CA PRO A 2 28.71 -9.63 -3.74
C PRO A 2 27.58 -9.61 -4.75
N THR A 3 27.12 -10.79 -5.13
CA THR A 3 26.04 -10.93 -6.10
C THR A 3 24.71 -10.56 -5.44
N TRP A 4 23.67 -10.37 -6.24
CA TRP A 4 22.37 -10.03 -5.69
C TRP A 4 21.84 -11.15 -4.80
N GLU A 5 22.04 -12.39 -5.23
CA GLU A 5 21.57 -13.53 -4.44
C GLU A 5 22.20 -13.53 -3.05
N GLU A 6 23.50 -13.21 -2.98
CA GLU A 6 24.20 -13.17 -1.70
C GLU A 6 23.68 -12.02 -0.84
N LEU A 7 23.39 -10.88 -1.48
CA LEU A 7 22.88 -9.73 -0.76
C LEU A 7 21.50 -10.06 -0.17
N TYR A 8 20.69 -10.76 -0.95
CA TYR A 8 19.36 -11.16 -0.48
C TYR A 8 19.48 -12.04 0.75
N LYS A 9 20.36 -13.04 0.67
CA LYS A 9 20.57 -13.97 1.77
C LYS A 9 20.97 -13.24 3.04
N ASN A 10 21.95 -12.36 2.96
CA ASN A 10 22.41 -11.62 4.14
C ASN A 10 21.29 -10.77 4.71
N ALA A 11 20.49 -10.17 3.83
CA ALA A 11 19.40 -9.30 4.24
C ALA A 11 18.33 -10.02 5.04
N ILE A 12 17.93 -11.20 4.60
CA ILE A 12 16.89 -11.93 5.32
C ILE A 12 17.41 -12.45 6.67
N GLU A 13 18.65 -12.93 6.69
CA GLU A 13 19.21 -13.43 7.94
C GLU A 13 19.28 -12.28 8.95
N LYS A 14 19.68 -11.11 8.48
CA LYS A 14 19.77 -9.95 9.35
C LYS A 14 18.39 -9.54 9.87
N ALA A 15 17.42 -9.48 8.96
CA ALA A 15 16.06 -9.08 9.32
C ALA A 15 15.34 -10.05 10.26
N ILE A 16 15.52 -11.35 10.05
CA ILE A 16 14.85 -12.32 10.91
C ILE A 16 15.25 -12.09 12.37
N LYS A 17 16.48 -11.64 12.58
CA LYS A 17 16.98 -11.37 13.92
C LYS A 17 16.61 -9.98 14.46
N SER A 18 16.71 -8.96 13.60
CA SER A 18 16.44 -7.59 14.03
C SER A 18 14.98 -7.16 14.13
N VAL A 19 14.17 -7.53 13.15
CA VAL A 19 12.76 -7.12 13.16
C VAL A 19 12.03 -7.41 14.47
N PRO A 20 12.19 -8.62 15.04
CA PRO A 20 11.51 -8.97 16.29
C PRO A 20 11.91 -8.10 17.48
N LYS A 21 12.92 -7.25 17.30
CA LYS A 21 13.37 -6.38 18.38
C LYS A 21 12.60 -5.06 18.47
N VAL A 22 11.84 -4.74 17.43
CA VAL A 22 11.05 -3.51 17.42
C VAL A 22 10.03 -3.64 18.54
N LYS A 23 9.97 -2.63 19.41
CA LYS A 23 9.07 -2.62 20.56
C LYS A 23 7.59 -2.39 20.27
N GLY A 24 7.28 -1.57 19.27
CA GLY A 24 5.89 -1.31 18.97
C GLY A 24 5.69 -0.38 17.79
N VAL A 25 4.59 -0.57 17.07
CA VAL A 25 4.26 0.25 15.91
C VAL A 25 2.79 0.65 15.89
N LEU A 26 2.53 1.94 15.67
CA LEU A 26 1.17 2.44 15.59
C LEU A 26 0.73 2.35 14.13
N LEU A 27 -0.47 1.83 13.90
CA LEU A 27 -0.99 1.70 12.52
C LEU A 27 -2.40 2.27 12.40
N GLY A 28 -2.59 3.14 11.40
CA GLY A 28 -3.90 3.73 11.17
C GLY A 28 -4.01 4.17 9.71
N TYR A 29 -5.20 4.52 9.24
CA TYR A 29 -6.43 4.53 10.02
C TYR A 29 -7.46 3.62 9.38
N ASN A 30 -7.13 3.10 8.20
CA ASN A 30 -8.07 2.27 7.46
C ASN A 30 -7.92 0.75 7.61
N THR A 31 -9.00 0.15 8.09
CA THR A 31 -9.09 -1.29 8.30
C THR A 31 -10.47 -1.69 7.80
N ASN A 32 -10.54 -2.73 6.96
CA ASN A 32 -11.82 -3.19 6.44
C ASN A 32 -11.78 -4.66 6.08
N ILE A 33 -12.85 -5.13 5.46
CA ILE A 33 -12.95 -6.52 5.03
C ILE A 33 -12.88 -6.49 3.51
N ASP A 34 -11.93 -7.24 2.94
CA ASP A 34 -11.76 -7.31 1.49
C ASP A 34 -12.46 -8.54 0.93
N ALA A 35 -13.39 -8.32 0.01
CA ALA A 35 -14.10 -9.40 -0.65
C ALA A 35 -13.39 -9.53 -2.00
N ILE A 36 -12.59 -10.57 -2.13
CA ILE A 36 -11.80 -10.78 -3.35
C ILE A 36 -12.42 -11.70 -4.38
N LYS A 37 -12.58 -11.17 -5.59
CA LYS A 37 -13.13 -11.95 -6.69
C LYS A 37 -12.07 -12.17 -7.78
N TYR A 38 -11.93 -13.42 -8.21
CA TYR A 38 -11.00 -13.73 -9.27
C TYR A 38 -11.85 -13.68 -10.54
N LEU A 39 -11.67 -12.62 -11.30
CA LEU A 39 -12.43 -12.39 -12.52
C LEU A 39 -12.41 -13.54 -13.53
N ASP A 40 -13.53 -13.69 -14.23
CA ASP A 40 -13.69 -14.71 -15.26
C ASP A 40 -14.01 -13.95 -16.56
N SER A 41 -13.25 -14.23 -17.62
CA SER A 41 -13.43 -13.54 -18.90
C SER A 41 -14.85 -13.47 -19.45
N LYS A 42 -15.47 -14.61 -19.70
CA LYS A 42 -16.82 -14.63 -20.24
C LYS A 42 -17.85 -13.97 -19.33
N ASP A 43 -17.72 -14.16 -18.03
CA ASP A 43 -18.65 -13.55 -17.09
C ASP A 43 -18.56 -12.03 -17.19
N LEU A 44 -17.33 -11.50 -17.24
CA LEU A 44 -17.14 -10.07 -17.33
C LEU A 44 -17.62 -9.53 -18.68
N GLU A 45 -17.35 -10.25 -19.76
CA GLU A 45 -17.81 -9.79 -21.07
C GLU A 45 -19.33 -9.67 -21.07
N GLU A 46 -20.02 -10.69 -20.59
CA GLU A 46 -21.47 -10.67 -20.56
C GLU A 46 -21.98 -9.50 -19.72
N ARG A 47 -21.35 -9.28 -18.57
CA ARG A 47 -21.77 -8.19 -17.69
C ARG A 47 -21.52 -6.82 -18.31
N ILE A 48 -20.45 -6.70 -19.08
CA ILE A 48 -20.12 -5.45 -19.74
C ILE A 48 -21.22 -5.09 -20.76
N ILE A 49 -21.68 -6.09 -21.50
CA ILE A 49 -22.73 -5.84 -22.48
C ILE A 49 -24.05 -5.49 -21.77
N LYS A 50 -24.37 -6.18 -20.69
CA LYS A 50 -25.59 -5.87 -19.95
C LYS A 50 -25.56 -4.44 -19.38
N ALA A 51 -24.39 -4.00 -18.94
CA ALA A 51 -24.23 -2.67 -18.37
C ALA A 51 -24.25 -1.54 -19.40
N GLY A 52 -23.82 -1.84 -20.62
CA GLY A 52 -23.76 -0.85 -21.67
C GLY A 52 -22.29 -0.76 -22.03
N LYS A 53 -21.88 -1.57 -23.01
CA LYS A 53 -20.49 -1.66 -23.42
C LYS A 53 -19.80 -0.37 -23.89
N GLU A 54 -20.52 0.47 -24.61
CA GLU A 54 -19.93 1.71 -25.08
C GLU A 54 -19.49 2.58 -23.90
N GLU A 55 -20.33 2.65 -22.87
CA GLU A 55 -19.98 3.44 -21.69
C GLU A 55 -18.82 2.81 -20.96
N VAL A 56 -18.84 1.48 -20.85
CA VAL A 56 -17.76 0.75 -20.19
C VAL A 56 -16.42 1.08 -20.84
N ILE A 57 -16.40 1.05 -22.17
CA ILE A 57 -15.16 1.34 -22.90
C ILE A 57 -14.72 2.78 -22.63
N LYS A 58 -15.68 3.69 -22.62
CA LYS A 58 -15.42 5.10 -22.36
C LYS A 58 -14.64 5.27 -21.06
N TYR A 59 -15.12 4.63 -20.00
CA TYR A 59 -14.47 4.73 -18.71
C TYR A 59 -13.16 3.94 -18.61
N SER A 60 -12.97 2.96 -19.49
CA SER A 60 -11.73 2.19 -19.46
C SER A 60 -10.63 3.04 -20.11
N GLU A 61 -11.03 4.11 -20.79
CA GLU A 61 -10.08 5.00 -21.43
C GLU A 61 -9.78 6.17 -20.50
N GLU A 62 -10.78 6.53 -19.69
CA GLU A 62 -10.64 7.62 -18.75
C GLU A 62 -11.37 7.31 -17.43
N LEU A 63 -10.60 6.95 -16.41
CA LEU A 63 -11.18 6.62 -15.10
C LEU A 63 -12.03 7.74 -14.52
N PRO A 64 -13.22 7.41 -14.00
CA PRO A 64 -14.06 8.46 -13.41
C PRO A 64 -13.49 8.79 -12.02
N ASP A 65 -14.02 9.83 -11.39
CA ASP A 65 -13.54 10.23 -10.06
C ASP A 65 -14.12 9.32 -8.97
N LYS A 66 -15.23 8.68 -9.28
CA LYS A 66 -15.90 7.78 -8.35
C LYS A 66 -16.85 6.93 -9.19
N ILE A 67 -17.47 5.93 -8.57
CA ILE A 67 -18.39 5.04 -9.28
C ILE A 67 -19.84 5.27 -8.88
N ASN A 68 -20.67 5.60 -9.87
CA ASN A 68 -22.09 5.87 -9.64
C ASN A 68 -22.98 4.96 -10.49
N THR A 69 -22.38 4.21 -11.41
CA THR A 69 -23.13 3.30 -12.28
C THR A 69 -22.37 1.99 -12.46
N VAL A 70 -23.07 0.96 -12.94
CA VAL A 70 -22.42 -0.32 -13.18
C VAL A 70 -21.45 -0.18 -14.35
N SER A 71 -21.80 0.61 -15.35
CA SER A 71 -20.90 0.80 -16.49
C SER A 71 -19.60 1.46 -15.98
N GLN A 72 -19.71 2.32 -14.98
CA GLN A 72 -18.53 2.97 -14.43
C GLN A 72 -17.67 1.97 -13.66
N LEU A 73 -18.32 1.03 -12.98
CA LEU A 73 -17.61 0.00 -12.22
C LEU A 73 -16.85 -0.93 -13.14
N LEU A 74 -17.53 -1.47 -14.15
CA LEU A 74 -16.90 -2.40 -15.08
C LEU A 74 -15.87 -1.72 -15.94
N GLY A 75 -16.11 -0.46 -16.26
CA GLY A 75 -15.16 0.29 -17.08
C GLY A 75 -13.89 0.58 -16.28
N SER A 76 -14.05 0.80 -14.98
CA SER A 76 -12.89 1.08 -14.13
C SER A 76 -12.09 -0.21 -14.00
N ILE A 77 -12.78 -1.33 -13.88
CA ILE A 77 -12.11 -2.62 -13.79
C ILE A 77 -11.32 -2.81 -15.10
N LEU A 78 -11.96 -2.51 -16.23
CA LEU A 78 -11.33 -2.66 -17.54
C LEU A 78 -10.15 -1.70 -17.71
N TRP A 79 -10.24 -0.55 -17.04
CA TRP A 79 -9.15 0.45 -17.10
C TRP A 79 -7.89 -0.23 -16.54
N SER A 80 -8.04 -0.87 -15.39
CA SER A 80 -6.91 -1.56 -14.75
C SER A 80 -6.42 -2.72 -15.60
N ILE A 81 -7.36 -3.47 -16.17
CA ILE A 81 -7.02 -4.62 -17.02
C ILE A 81 -6.19 -4.20 -18.24
N ARG A 82 -6.66 -3.19 -18.96
CA ARG A 82 -5.96 -2.72 -20.15
C ARG A 82 -4.54 -2.24 -19.89
N ARG A 83 -4.35 -1.56 -18.76
CA ARG A 83 -3.03 -1.03 -18.42
C ARG A 83 -2.21 -1.92 -17.51
N GLY A 84 -2.85 -2.93 -16.93
CA GLY A 84 -2.14 -3.80 -16.01
C GLY A 84 -1.67 -2.93 -14.85
N LYS A 85 -2.52 -1.98 -14.47
CA LYS A 85 -2.18 -1.05 -13.38
C LYS A 85 -3.27 -1.03 -12.31
N ALA A 86 -2.86 -0.78 -11.07
CA ALA A 86 -3.80 -0.75 -9.94
C ALA A 86 -4.54 0.58 -9.81
N ALA A 87 -5.81 0.49 -9.43
CA ALA A 87 -6.65 1.66 -9.22
C ALA A 87 -7.71 1.33 -8.18
N GLU A 88 -8.26 2.35 -7.55
CA GLU A 88 -9.29 2.18 -6.54
C GLU A 88 -10.22 3.38 -6.56
N LEU A 89 -11.52 3.14 -6.56
CA LEU A 89 -12.49 4.23 -6.55
C LEU A 89 -13.59 3.95 -5.56
N PHE A 90 -14.23 5.02 -5.10
CA PHE A 90 -15.33 4.92 -4.15
C PHE A 90 -16.65 4.61 -4.85
N VAL A 91 -17.34 3.58 -4.39
CA VAL A 91 -18.63 3.23 -4.97
C VAL A 91 -19.69 3.99 -4.17
N GLU A 92 -20.09 5.13 -4.71
CA GLU A 92 -21.06 6.00 -4.06
C GLU A 92 -22.50 5.51 -4.19
N SER A 93 -22.79 4.82 -5.30
CA SER A 93 -24.13 4.32 -5.57
C SER A 93 -24.55 3.07 -4.80
N CYS A 94 -25.69 3.15 -4.12
CA CYS A 94 -26.18 1.99 -3.39
C CYS A 94 -26.55 0.88 -4.38
N PRO A 95 -27.20 1.22 -5.50
CA PRO A 95 -27.57 0.19 -6.47
C PRO A 95 -26.34 -0.58 -6.97
N VAL A 96 -25.22 0.11 -7.14
CA VAL A 96 -24.01 -0.54 -7.60
C VAL A 96 -23.44 -1.44 -6.53
N ARG A 97 -23.47 -1.00 -5.27
CA ARG A 97 -22.96 -1.85 -4.19
C ARG A 97 -23.80 -3.12 -4.14
N PHE A 98 -25.10 -2.97 -4.37
CA PHE A 98 -26.03 -4.10 -4.35
C PHE A 98 -25.65 -5.05 -5.49
N TYR A 99 -25.32 -4.48 -6.63
CA TYR A 99 -24.91 -5.26 -7.79
C TYR A 99 -23.63 -6.05 -7.46
N MET A 100 -22.71 -5.39 -6.75
CA MET A 100 -21.45 -6.02 -6.38
C MET A 100 -21.65 -7.16 -5.38
N LYS A 101 -22.57 -6.96 -4.44
CA LYS A 101 -22.87 -7.97 -3.45
C LYS A 101 -23.40 -9.23 -4.12
N ARG A 102 -24.29 -9.05 -5.11
CA ARG A 102 -24.85 -10.19 -5.82
C ARG A 102 -23.80 -10.85 -6.71
N TRP A 103 -22.90 -10.06 -7.26
CA TRP A 103 -21.84 -10.59 -8.12
C TRP A 103 -20.97 -11.53 -7.30
N GLY A 104 -20.81 -11.23 -6.02
CA GLY A 104 -20.05 -12.10 -5.14
C GLY A 104 -18.54 -11.96 -5.07
N TRP A 105 -17.91 -13.00 -4.56
CA TRP A 105 -16.46 -13.03 -4.38
C TRP A 105 -15.99 -14.46 -4.15
N ASN A 106 -14.68 -14.64 -4.08
CA ASN A 106 -14.10 -15.96 -3.85
C ASN A 106 -13.59 -16.14 -2.43
N GLU A 107 -13.11 -15.05 -1.83
CA GLU A 107 -12.63 -15.13 -0.45
C GLU A 107 -12.70 -13.79 0.27
N LEU A 108 -12.81 -13.86 1.60
CA LEU A 108 -12.86 -12.67 2.43
C LEU A 108 -11.55 -12.62 3.20
N ARG A 109 -10.88 -11.47 3.17
CA ARG A 109 -9.61 -11.31 3.88
C ARG A 109 -9.57 -10.00 4.62
N MET A 110 -8.57 -9.85 5.48
CA MET A 110 -8.36 -8.61 6.20
C MET A 110 -8.02 -7.60 5.11
N GLY A 111 -8.54 -6.39 5.23
CA GLY A 111 -8.26 -5.37 4.23
C GLY A 111 -7.85 -4.04 4.85
N GLY A 112 -7.38 -3.14 4.01
CA GLY A 112 -6.95 -1.82 4.48
C GLY A 112 -5.48 -1.79 4.83
N GLN A 113 -4.84 -0.64 4.64
CA GLN A 113 -3.42 -0.51 4.95
C GLN A 113 -3.15 -0.88 6.41
N ALA A 114 -3.86 -0.26 7.34
CA ALA A 114 -3.65 -0.54 8.75
C ALA A 114 -3.92 -1.99 9.12
N GLY A 115 -5.05 -2.51 8.63
CA GLY A 115 -5.41 -3.89 8.94
C GLY A 115 -4.43 -4.93 8.42
N ILE A 116 -4.05 -4.80 7.14
CA ILE A 116 -3.12 -5.74 6.53
C ILE A 116 -1.74 -5.65 7.18
N MET A 117 -1.27 -4.43 7.43
CA MET A 117 0.04 -4.26 8.05
C MET A 117 0.04 -4.77 9.48
N ALA A 118 -1.09 -4.63 10.17
CA ALA A 118 -1.19 -5.10 11.54
C ALA A 118 -1.03 -6.63 11.58
N ASN A 119 -1.72 -7.33 10.69
CA ASN A 119 -1.62 -8.79 10.64
C ASN A 119 -0.20 -9.25 10.31
N LEU A 120 0.48 -8.52 9.44
CA LEU A 120 1.84 -8.87 9.05
C LEU A 120 2.85 -8.60 10.18
N LEU A 121 2.93 -7.34 10.61
CA LEU A 121 3.87 -6.97 11.66
C LEU A 121 3.62 -7.68 12.98
N GLY A 122 2.38 -7.63 13.47
CA GLY A 122 2.08 -8.28 14.73
C GLY A 122 1.85 -9.78 14.63
N GLY A 123 0.98 -10.18 13.71
CA GLY A 123 0.66 -11.59 13.55
C GLY A 123 1.76 -12.48 13.00
N VAL A 124 2.60 -11.95 12.12
CA VAL A 124 3.68 -12.75 11.54
C VAL A 124 5.07 -12.43 12.08
N TYR A 125 5.42 -11.15 12.10
CA TYR A 125 6.73 -10.74 12.58
C TYR A 125 6.87 -10.73 14.10
N GLY A 126 5.75 -10.74 14.81
CA GLY A 126 5.80 -10.74 16.25
C GLY A 126 6.07 -9.37 16.86
N VAL A 127 5.89 -8.33 16.05
CA VAL A 127 6.10 -6.96 16.51
C VAL A 127 4.80 -6.41 17.09
N PRO A 128 4.81 -5.95 18.35
CA PRO A 128 3.59 -5.41 18.96
C PRO A 128 3.05 -4.23 18.15
N VAL A 129 1.74 -4.23 17.92
CA VAL A 129 1.13 -3.14 17.16
C VAL A 129 -0.18 -2.66 17.75
N ILE A 130 -0.44 -1.35 17.58
CA ILE A 130 -1.68 -0.74 18.02
C ILE A 130 -2.31 -0.30 16.70
N VAL A 131 -3.49 -0.81 16.41
CA VAL A 131 -4.14 -0.50 15.13
C VAL A 131 -5.50 0.19 15.27
N HIS A 132 -5.75 1.15 14.39
CA HIS A 132 -7.03 1.87 14.39
C HIS A 132 -8.00 1.12 13.48
N VAL A 133 -9.16 0.77 14.03
CA VAL A 133 -10.18 0.06 13.29
C VAL A 133 -11.46 0.86 13.38
N PRO A 134 -11.88 1.49 12.27
CA PRO A 134 -13.11 2.30 12.20
C PRO A 134 -14.34 1.59 12.76
N GLN A 135 -14.57 0.38 12.28
CA GLN A 135 -15.72 -0.41 12.70
C GLN A 135 -15.33 -1.85 13.03
N LEU A 136 -15.32 -2.17 14.32
CA LEU A 136 -14.96 -3.49 14.80
C LEU A 136 -16.14 -4.46 14.86
N SER A 137 -16.54 -4.97 13.71
CA SER A 137 -17.62 -5.95 13.66
C SER A 137 -16.98 -7.27 14.07
N ARG A 138 -17.79 -8.28 14.36
CA ARG A 138 -17.25 -9.59 14.74
C ARG A 138 -16.36 -10.17 13.64
N LEU A 139 -16.85 -10.11 12.40
CA LEU A 139 -16.09 -10.61 11.27
C LEU A 139 -14.77 -9.86 11.13
N GLN A 140 -14.81 -8.55 11.30
CA GLN A 140 -13.61 -7.73 11.19
C GLN A 140 -12.57 -8.11 12.25
N ALA A 141 -13.01 -8.19 13.50
CA ALA A 141 -12.13 -8.53 14.61
C ALA A 141 -11.48 -9.89 14.46
N ASN A 142 -12.24 -10.87 14.00
CA ASN A 142 -11.72 -12.22 13.86
C ASN A 142 -10.89 -12.47 12.60
N LEU A 143 -10.70 -11.43 11.79
CA LEU A 143 -9.86 -11.53 10.60
C LEU A 143 -8.43 -11.14 11.04
N PHE A 144 -8.32 -10.68 12.28
CA PHE A 144 -7.02 -10.32 12.84
C PHE A 144 -6.38 -11.59 13.36
N LEU A 145 -5.10 -11.78 13.06
CA LEU A 145 -4.38 -12.97 13.51
C LEU A 145 -4.15 -12.89 15.02
N ASP A 146 -3.89 -14.03 15.64
CA ASP A 146 -3.60 -14.05 17.07
C ASP A 146 -2.16 -13.55 17.20
N GLY A 147 -1.89 -12.83 18.28
CA GLY A 147 -0.55 -12.30 18.48
C GLY A 147 -0.63 -10.94 19.13
N PRO A 148 0.51 -10.22 19.25
CA PRO A 148 0.53 -8.90 19.87
C PRO A 148 -0.12 -7.77 19.06
N ILE A 149 -1.40 -7.95 18.73
CA ILE A 149 -2.15 -6.93 18.00
C ILE A 149 -3.12 -6.34 19.00
N TYR A 150 -3.15 -5.02 19.11
CA TYR A 150 -4.01 -4.34 20.07
C TYR A 150 -4.83 -3.17 19.55
N VAL A 151 -5.98 -2.95 20.18
CA VAL A 151 -6.84 -1.81 19.87
C VAL A 151 -7.10 -1.16 21.23
N PRO A 152 -7.15 0.17 21.27
CA PRO A 152 -7.39 0.85 22.54
C PRO A 152 -8.86 0.95 22.95
N THR A 153 -9.11 0.81 24.24
CA THR A 153 -10.45 0.93 24.78
C THR A 153 -10.31 1.71 26.09
N LEU A 154 -11.44 2.09 26.67
CA LEU A 154 -11.40 2.85 27.89
C LEU A 154 -12.28 2.30 29.00
N GLU A 155 -11.58 2.07 30.10
CA GLU A 155 -12.09 1.59 31.38
C GLU A 155 -11.64 2.64 32.38
N ASN A 156 -12.60 3.32 32.98
CA ASN A 156 -12.30 4.33 33.97
C ASN A 156 -11.21 5.36 33.66
N GLY A 157 -11.40 6.17 32.63
CA GLY A 157 -10.41 7.19 32.33
C GLY A 157 -9.03 6.71 31.92
N GLU A 158 -8.80 5.39 31.87
CA GLU A 158 -7.47 4.93 31.43
C GLU A 158 -7.54 4.02 30.22
N VAL A 159 -6.52 4.07 29.37
CA VAL A 159 -6.49 3.22 28.18
C VAL A 159 -6.14 1.78 28.52
N LYS A 160 -6.91 0.86 27.96
CA LYS A 160 -6.67 -0.56 28.15
C LYS A 160 -6.51 -1.15 26.76
N LEU A 161 -5.35 -1.75 26.50
CA LEU A 161 -5.07 -2.34 25.20
C LEU A 161 -5.51 -3.79 25.20
N ILE A 162 -6.32 -4.17 24.21
CA ILE A 162 -6.82 -5.53 24.10
C ILE A 162 -6.76 -6.01 22.67
N HIS A 163 -6.79 -7.32 22.47
CA HIS A 163 -6.77 -7.85 21.11
C HIS A 163 -8.13 -7.54 20.50
N PRO A 164 -8.18 -7.28 19.18
CA PRO A 164 -9.46 -6.98 18.54
C PRO A 164 -10.56 -7.98 18.90
N LYS A 165 -10.20 -9.25 19.00
CA LYS A 165 -11.18 -10.30 19.33
C LYS A 165 -11.82 -10.13 20.69
N GLU A 166 -11.16 -9.38 21.56
CA GLU A 166 -11.67 -9.15 22.91
C GLU A 166 -12.65 -7.98 23.01
N PHE A 167 -12.74 -7.20 21.94
CA PHE A 167 -13.66 -6.06 21.91
C PHE A 167 -15.06 -6.58 22.19
N SER A 168 -15.78 -5.92 23.09
CA SER A 168 -17.13 -6.35 23.46
C SER A 168 -18.23 -5.95 22.49
N GLY A 169 -17.96 -4.95 21.65
CA GLY A 169 -18.97 -4.51 20.70
C GLY A 169 -19.02 -5.36 19.45
N ASP A 170 -19.87 -4.95 18.51
CA ASP A 170 -20.04 -5.63 17.24
C ASP A 170 -20.57 -4.57 16.28
N GLU A 171 -19.63 -3.79 15.73
CA GLU A 171 -19.98 -2.70 14.84
C GLU A 171 -20.24 -3.15 13.40
N GLU A 172 -20.27 -2.22 12.45
CA GLU A 172 -20.58 -2.58 11.07
C GLU A 172 -19.48 -3.26 10.25
N ASN A 173 -19.90 -4.13 9.33
CA ASN A 173 -18.96 -4.80 8.43
C ASN A 173 -18.69 -3.77 7.33
N CYS A 174 -17.43 -3.40 7.13
CA CYS A 174 -17.08 -2.46 6.07
C CYS A 174 -16.43 -3.24 4.95
N ILE A 175 -17.13 -3.35 3.82
CA ILE A 175 -16.65 -4.13 2.68
C ILE A 175 -16.07 -3.34 1.51
N HIS A 176 -14.95 -3.85 0.99
CA HIS A 176 -14.31 -3.30 -0.19
C HIS A 176 -14.20 -4.50 -1.13
N TYR A 177 -14.59 -4.32 -2.39
CA TYR A 177 -14.52 -5.42 -3.35
C TYR A 177 -13.25 -5.33 -4.18
N ILE A 178 -12.52 -6.45 -4.25
CA ILE A 178 -11.27 -6.54 -4.98
C ILE A 178 -11.43 -7.41 -6.23
N TYR A 179 -11.21 -6.82 -7.39
CA TYR A 179 -11.34 -7.53 -8.65
C TYR A 179 -9.96 -7.87 -9.21
N GLU A 180 -9.54 -9.10 -8.95
CA GLU A 180 -8.23 -9.60 -9.36
C GLU A 180 -8.23 -10.26 -10.74
N PHE A 181 -7.15 -10.03 -11.48
CA PHE A 181 -6.99 -10.63 -12.80
C PHE A 181 -5.52 -10.96 -13.00
N PRO A 182 -5.23 -12.08 -13.68
CA PRO A 182 -3.87 -12.52 -13.95
C PRO A 182 -3.29 -11.89 -15.20
N ARG A 183 -1.99 -12.04 -15.37
CA ARG A 183 -1.30 -11.54 -16.56
C ARG A 183 -1.97 -12.29 -17.72
N GLY A 184 -2.24 -11.59 -18.80
CA GLY A 184 -2.87 -12.24 -19.95
C GLY A 184 -4.38 -12.35 -19.91
N PHE A 185 -5.01 -11.86 -18.84
CA PHE A 185 -6.46 -11.92 -18.72
C PHE A 185 -7.12 -11.27 -19.93
N ARG A 186 -8.09 -11.96 -20.52
CA ARG A 186 -8.77 -11.46 -21.71
C ARG A 186 -10.20 -10.98 -21.49
N VAL A 187 -10.53 -9.89 -22.17
CA VAL A 187 -11.88 -9.30 -22.17
C VAL A 187 -12.01 -8.74 -23.58
N PHE A 188 -12.78 -9.44 -24.42
CA PHE A 188 -12.93 -9.05 -25.81
C PHE A 188 -11.52 -8.99 -26.42
N GLU A 189 -11.17 -7.90 -27.09
CA GLU A 189 -9.84 -7.80 -27.71
C GLU A 189 -8.73 -7.38 -26.75
N PHE A 190 -9.10 -7.03 -25.51
CA PHE A 190 -8.12 -6.57 -24.54
C PHE A 190 -7.40 -7.68 -23.79
N GLU A 191 -6.16 -7.42 -23.40
CA GLU A 191 -5.36 -8.40 -22.68
C GLU A 191 -4.54 -7.68 -21.61
N ALA A 192 -4.58 -8.20 -20.39
CA ALA A 192 -3.84 -7.59 -19.28
C ALA A 192 -2.33 -7.77 -19.45
N PRO A 193 -1.58 -6.66 -19.46
CA PRO A 193 -0.12 -6.75 -19.61
C PRO A 193 0.58 -7.18 -18.32
N ARG A 194 -0.12 -7.08 -17.19
CA ARG A 194 0.44 -7.49 -15.91
C ARG A 194 -0.67 -7.85 -14.95
N GLU A 195 -0.43 -8.83 -14.08
CA GLU A 195 -1.41 -9.23 -13.09
C GLU A 195 -1.66 -8.01 -12.20
N ASN A 196 -2.91 -7.76 -11.86
CA ASN A 196 -3.22 -6.62 -11.03
C ASN A 196 -4.67 -6.69 -10.53
N ARG A 197 -5.18 -5.57 -10.02
CA ARG A 197 -6.55 -5.57 -9.52
C ARG A 197 -7.15 -4.17 -9.46
N PHE A 198 -8.49 -4.12 -9.43
CA PHE A 198 -9.18 -2.86 -9.31
C PHE A 198 -10.01 -2.97 -8.03
N ILE A 199 -10.03 -1.91 -7.24
CA ILE A 199 -10.76 -1.94 -5.98
C ILE A 199 -11.94 -0.97 -5.95
N GLY A 200 -13.10 -1.50 -5.59
CA GLY A 200 -14.29 -0.67 -5.45
C GLY A 200 -14.58 -0.61 -3.97
N SER A 201 -14.29 0.52 -3.32
CA SER A 201 -14.53 0.66 -1.89
C SER A 201 -16.01 0.89 -1.67
N ALA A 202 -16.63 0.07 -0.82
CA ALA A 202 -18.06 0.15 -0.59
C ALA A 202 -18.53 0.28 0.84
N ASP A 203 -17.84 1.07 1.66
CA ASP A 203 -18.27 1.29 3.04
C ASP A 203 -18.32 2.78 3.26
N ASP A 204 -18.99 3.21 4.32
CA ASP A 204 -19.10 4.65 4.57
C ASP A 204 -18.43 5.14 5.85
N TYR A 205 -17.36 4.46 6.24
CA TYR A 205 -16.59 4.83 7.41
C TYR A 205 -15.15 5.14 6.99
N ASN A 206 -14.49 4.17 6.36
CA ASN A 206 -13.13 4.37 5.90
C ASN A 206 -13.10 5.45 4.83
N THR A 207 -14.17 5.52 4.05
CA THR A 207 -14.26 6.50 2.98
C THR A 207 -14.36 7.95 3.43
N THR A 208 -14.64 8.17 4.72
CA THR A 208 -14.71 9.53 5.24
C THR A 208 -13.60 9.70 6.26
N LEU A 209 -12.71 8.71 6.32
CA LEU A 209 -11.60 8.68 7.26
C LEU A 209 -12.11 8.88 8.69
N PHE A 210 -13.09 8.06 9.07
CA PHE A 210 -13.64 8.11 10.41
C PHE A 210 -12.55 7.68 11.37
N ILE A 211 -12.41 8.39 12.48
CA ILE A 211 -11.38 8.07 13.47
C ILE A 211 -12.03 7.96 14.86
N ARG A 212 -11.84 6.80 15.50
CA ARG A 212 -12.41 6.52 16.82
C ARG A 212 -12.06 7.54 17.90
N GLU A 213 -12.94 7.65 18.88
CA GLU A 213 -12.76 8.57 20.00
C GLU A 213 -11.45 8.31 20.75
N GLU A 214 -10.99 7.06 20.75
CA GLU A 214 -9.75 6.69 21.44
C GLU A 214 -8.52 7.34 20.80
N PHE A 215 -8.54 7.49 19.48
CA PHE A 215 -7.40 8.07 18.79
C PHE A 215 -7.42 9.58 18.79
N ARG A 216 -8.45 10.14 19.37
CA ARG A 216 -8.52 11.59 19.41
C ARG A 216 -7.64 12.12 20.54
N GLU A 217 -8.20 12.60 21.64
CA GLU A 217 -7.29 13.12 22.68
C GLU A 217 -6.67 12.16 23.70
N SER A 218 -6.92 10.87 23.54
CA SER A 218 -6.30 9.89 24.44
C SER A 218 -5.19 9.20 23.64
N PHE A 219 -4.92 9.76 22.47
CA PHE A 219 -3.90 9.26 21.54
C PHE A 219 -2.50 9.24 22.17
N SER A 220 -2.20 10.25 22.98
CA SER A 220 -0.90 10.34 23.64
C SER A 220 -0.65 9.13 24.52
N GLU A 221 -1.68 8.67 25.22
CA GLU A 221 -1.56 7.51 26.09
C GLU A 221 -1.28 6.26 25.27
N VAL A 222 -2.08 6.07 24.23
CA VAL A 222 -1.97 4.92 23.34
C VAL A 222 -0.58 4.68 22.76
N ILE A 223 0.03 5.73 22.21
CA ILE A 223 1.35 5.62 21.58
C ILE A 223 2.56 5.76 22.50
N LYS A 224 2.35 5.64 23.81
CA LYS A 224 3.46 5.78 24.73
C LYS A 224 4.61 4.79 24.54
N ASN A 225 4.31 3.58 24.08
CA ASN A 225 5.36 2.58 23.89
C ASN A 225 5.72 2.23 22.45
N VAL A 226 5.22 2.98 21.47
CA VAL A 226 5.55 2.66 20.08
C VAL A 226 6.83 3.37 19.66
N GLN A 227 7.54 2.77 18.71
CA GLN A 227 8.79 3.33 18.19
C GLN A 227 8.63 3.86 16.77
N LEU A 228 7.56 3.43 16.11
CA LEU A 228 7.28 3.84 14.73
C LEU A 228 5.78 3.94 14.50
N ALA A 229 5.40 4.56 13.38
CA ALA A 229 4.00 4.69 13.03
C ALA A 229 3.84 4.70 11.51
N ILE A 230 2.77 4.06 11.04
CA ILE A 230 2.46 4.02 9.62
C ILE A 230 1.01 4.48 9.50
N LEU A 231 0.79 5.54 8.73
CA LEU A 231 -0.55 6.07 8.55
C LEU A 231 -0.96 6.04 7.09
N SER A 232 -2.25 5.85 6.86
CA SER A 232 -2.80 5.82 5.50
C SER A 232 -4.31 5.97 5.60
N GLY A 233 -4.97 6.01 4.45
CA GLY A 233 -6.42 6.13 4.46
C GLY A 233 -6.93 7.45 3.93
N LEU A 234 -6.04 8.43 3.83
CA LEU A 234 -6.42 9.76 3.34
C LEU A 234 -6.85 9.75 1.87
N GLN A 235 -6.48 8.70 1.14
CA GLN A 235 -6.80 8.58 -0.28
C GLN A 235 -8.27 8.63 -0.67
N ALA A 236 -9.16 8.27 0.26
CA ALA A 236 -10.59 8.25 -0.02
C ALA A 236 -11.30 9.59 0.14
N LEU A 237 -10.66 10.53 0.82
CA LEU A 237 -11.26 11.84 1.05
C LEU A 237 -11.42 12.69 -0.21
N THR A 238 -12.36 13.63 -0.15
CA THR A 238 -12.63 14.52 -1.28
C THR A 238 -12.51 15.97 -0.80
N LYS A 239 -12.58 16.90 -1.76
CA LYS A 239 -12.49 18.32 -1.42
C LYS A 239 -13.66 18.74 -0.53
N GLU A 240 -14.71 17.92 -0.52
CA GLU A 240 -15.91 18.22 0.27
C GLU A 240 -15.85 17.80 1.75
N ASN A 241 -15.07 16.77 2.06
CA ASN A 241 -15.02 16.28 3.44
C ASN A 241 -13.64 16.05 4.05
N TYR A 242 -12.58 16.56 3.44
CA TYR A 242 -11.23 16.33 3.96
C TYR A 242 -10.78 17.15 5.16
N LYS A 243 -11.31 18.36 5.30
CA LYS A 243 -10.89 19.26 6.39
C LYS A 243 -10.86 18.70 7.81
N GLU A 244 -11.99 18.23 8.32
CA GLU A 244 -12.05 17.70 9.68
C GLU A 244 -11.10 16.53 9.93
N PRO A 245 -11.11 15.51 9.06
CA PRO A 245 -10.21 14.37 9.26
C PRO A 245 -8.75 14.81 9.23
N PHE A 246 -8.40 15.71 8.32
CA PHE A 246 -7.03 16.19 8.23
C PHE A 246 -6.54 16.84 9.52
N GLU A 247 -7.42 17.56 10.21
CA GLU A 247 -7.01 18.20 11.46
C GLU A 247 -6.71 17.16 12.53
N ILE A 248 -7.45 16.05 12.53
CA ILE A 248 -7.21 15.00 13.51
C ILE A 248 -5.86 14.37 13.21
N VAL A 249 -5.61 14.07 11.94
CA VAL A 249 -4.36 13.45 11.54
C VAL A 249 -3.17 14.36 11.89
N LYS A 250 -3.31 15.65 11.61
CA LYS A 250 -2.25 16.60 11.91
C LYS A 250 -1.97 16.68 13.41
N SER A 251 -3.02 16.56 14.22
CA SER A 251 -2.83 16.58 15.67
C SER A 251 -2.06 15.32 16.07
N ASN A 252 -2.40 14.19 15.46
CA ASN A 252 -1.70 12.95 15.75
C ASN A 252 -0.23 13.09 15.36
N LEU A 253 0.00 13.71 14.21
CA LEU A 253 1.35 13.93 13.72
C LEU A 253 2.16 14.83 14.64
N GLU A 254 1.50 15.82 15.24
CA GLU A 254 2.18 16.73 16.17
C GLU A 254 2.68 15.94 17.37
N VAL A 255 1.85 15.05 17.88
CA VAL A 255 2.21 14.24 19.03
C VAL A 255 3.34 13.28 18.64
N LEU A 256 3.20 12.65 17.49
CA LEU A 256 4.21 11.73 17.01
C LEU A 256 5.55 12.45 16.82
N ASN A 257 5.54 13.60 16.16
CA ASN A 257 6.77 14.36 15.92
C ASN A 257 7.41 14.81 17.24
N GLU A 258 6.58 15.22 18.19
CA GLU A 258 7.09 15.68 19.48
C GLU A 258 7.87 14.57 20.19
N ARG A 259 7.37 13.35 20.09
CA ARG A 259 8.04 12.22 20.73
C ARG A 259 9.12 11.63 19.81
N GLU A 260 9.32 12.28 18.67
CA GLU A 260 10.32 11.84 17.70
C GLU A 260 10.12 10.41 17.23
N ILE A 261 8.86 10.06 16.96
CA ILE A 261 8.51 8.74 16.47
C ILE A 261 8.40 8.87 14.96
N PRO A 262 9.29 8.22 14.20
CA PRO A 262 9.24 8.31 12.74
C PRO A 262 7.89 7.83 12.21
N VAL A 263 7.30 8.60 11.31
CA VAL A 263 6.01 8.25 10.74
C VAL A 263 6.14 8.06 9.22
N HIS A 264 5.53 6.99 8.72
CA HIS A 264 5.53 6.67 7.29
C HIS A 264 4.12 6.76 6.73
N LEU A 265 3.97 7.43 5.59
CA LEU A 265 2.67 7.56 4.95
C LEU A 265 2.61 6.60 3.78
N GLU A 266 1.59 5.75 3.74
CA GLU A 266 1.46 4.87 2.60
C GLU A 266 0.51 5.59 1.67
N PHE A 267 1.04 6.06 0.55
CA PHE A 267 0.23 6.76 -0.41
C PHE A 267 -0.62 5.69 -1.09
N ALA A 268 -1.76 6.10 -1.60
CA ALA A 268 -2.64 5.18 -2.30
C ALA A 268 -3.31 6.01 -3.38
N PHE A 269 -4.00 5.34 -4.30
CA PHE A 269 -4.68 6.04 -5.38
C PHE A 269 -5.62 7.09 -4.79
N THR A 270 -5.29 8.37 -5.01
CA THR A 270 -6.10 9.48 -4.50
C THR A 270 -6.71 10.25 -5.67
N PRO A 271 -7.92 9.85 -6.10
CA PRO A 271 -8.62 10.50 -7.20
C PRO A 271 -8.87 12.00 -7.10
N ASP A 272 -9.23 12.48 -5.91
CA ASP A 272 -9.47 13.91 -5.72
C ASP A 272 -8.16 14.69 -5.75
N GLU A 273 -7.97 15.49 -6.80
CA GLU A 273 -6.75 16.27 -6.96
C GLU A 273 -6.48 17.26 -5.84
N LYS A 274 -7.54 17.82 -5.25
CA LYS A 274 -7.39 18.77 -4.16
C LYS A 274 -6.82 18.07 -2.93
N VAL A 275 -7.39 16.91 -2.60
CA VAL A 275 -6.92 16.14 -1.46
C VAL A 275 -5.50 15.65 -1.69
N ARG A 276 -5.21 15.23 -2.92
CA ARG A 276 -3.88 14.73 -3.26
C ARG A 276 -2.87 15.83 -2.97
N GLU A 277 -3.23 17.06 -3.30
CA GLU A 277 -2.37 18.21 -3.09
C GLU A 277 -2.21 18.50 -1.59
N GLU A 278 -3.29 18.35 -0.84
CA GLU A 278 -3.25 18.61 0.60
C GLU A 278 -2.37 17.60 1.31
N ILE A 279 -2.33 16.37 0.79
CA ILE A 279 -1.48 15.34 1.38
C ILE A 279 -0.03 15.79 1.21
N LEU A 280 0.31 16.27 0.02
CA LEU A 280 1.67 16.74 -0.24
C LEU A 280 2.01 17.88 0.72
N ASN A 281 1.04 18.75 0.99
CA ASN A 281 1.27 19.88 1.88
C ASN A 281 1.65 19.49 3.31
N VAL A 282 1.28 18.29 3.73
CA VAL A 282 1.61 17.82 5.07
C VAL A 282 2.67 16.72 5.09
N LEU A 283 3.18 16.37 3.91
CA LEU A 283 4.19 15.30 3.84
C LEU A 283 5.48 15.63 4.59
N GLY A 284 5.76 16.91 4.78
CA GLY A 284 6.96 17.31 5.49
C GLY A 284 6.92 16.87 6.94
N MET A 285 5.73 16.50 7.42
CA MET A 285 5.57 16.05 8.79
C MET A 285 5.89 14.56 8.89
N PHE A 286 6.05 13.91 7.74
CA PHE A 286 6.37 12.49 7.72
C PHE A 286 7.85 12.23 7.51
N TYR A 287 8.32 11.15 8.08
CA TYR A 287 9.72 10.77 7.93
C TYR A 287 9.84 10.01 6.61
N SER A 288 8.81 9.23 6.29
CA SER A 288 8.84 8.41 5.09
C SER A 288 7.51 8.33 4.34
N VAL A 289 7.58 7.91 3.08
CA VAL A 289 6.38 7.75 2.26
C VAL A 289 6.59 6.60 1.29
N GLY A 290 5.54 5.79 1.10
CA GLY A 290 5.64 4.66 0.19
C GLY A 290 4.61 4.81 -0.92
N LEU A 291 4.98 4.43 -2.15
CA LEU A 291 4.07 4.54 -3.27
C LEU A 291 4.50 3.73 -4.48
N ASN A 292 3.56 3.52 -5.42
CA ASN A 292 3.86 2.77 -6.63
C ASN A 292 3.94 3.72 -7.82
N GLU A 293 4.04 3.17 -9.03
CA GLU A 293 4.15 4.00 -10.22
C GLU A 293 2.89 4.81 -10.53
N VAL A 294 1.72 4.22 -10.31
CA VAL A 294 0.47 4.93 -10.58
C VAL A 294 0.34 6.13 -9.63
N GLU A 295 0.67 5.90 -8.37
CA GLU A 295 0.58 6.94 -7.37
C GLU A 295 1.60 8.06 -7.59
N LEU A 296 2.83 7.69 -7.93
CA LEU A 296 3.86 8.71 -8.16
C LEU A 296 3.49 9.52 -9.40
N ALA A 297 2.88 8.86 -10.38
CA ALA A 297 2.46 9.55 -11.59
C ALA A 297 1.37 10.57 -11.28
N SER A 298 0.44 10.20 -10.40
CA SER A 298 -0.65 11.10 -10.03
C SER A 298 -0.12 12.33 -9.31
N ILE A 299 1.01 12.17 -8.63
CA ILE A 299 1.61 13.28 -7.91
C ILE A 299 2.29 14.22 -8.90
N MET A 300 2.98 13.64 -9.87
CA MET A 300 3.65 14.44 -10.90
C MET A 300 2.60 15.24 -11.64
N GLU A 301 1.44 14.63 -11.85
CA GLU A 301 0.34 15.26 -12.55
C GLU A 301 -0.05 16.61 -11.92
N ILE A 302 -0.16 16.65 -10.60
CA ILE A 302 -0.54 17.89 -9.93
C ILE A 302 0.64 18.84 -9.71
N LEU A 303 1.85 18.36 -9.98
CA LEU A 303 3.04 19.21 -9.84
C LEU A 303 3.40 19.79 -11.21
N GLY A 304 2.58 19.49 -12.21
CA GLY A 304 2.82 20.01 -13.55
C GLY A 304 3.77 19.21 -14.41
N GLU A 305 4.28 18.09 -13.90
CA GLU A 305 5.21 17.25 -14.66
C GLU A 305 4.44 16.26 -15.54
N LYS A 306 3.90 16.75 -16.65
CA LYS A 306 3.13 15.92 -17.56
C LYS A 306 3.95 14.77 -18.15
N LYS A 307 5.18 15.06 -18.54
CA LYS A 307 6.05 14.05 -19.12
C LYS A 307 6.34 12.90 -18.18
N LEU A 308 6.82 13.23 -16.97
CA LEU A 308 7.13 12.20 -15.98
C LEU A 308 5.90 11.36 -15.67
N ALA A 309 4.75 12.00 -15.56
CA ALA A 309 3.51 11.28 -15.28
C ALA A 309 3.25 10.22 -16.34
N LYS A 310 3.40 10.59 -17.61
CA LYS A 310 3.18 9.64 -18.70
C LYS A 310 4.16 8.48 -18.67
N GLU A 311 5.43 8.77 -18.39
CA GLU A 311 6.43 7.70 -18.35
C GLU A 311 6.15 6.73 -17.21
N LEU A 312 5.66 7.26 -16.08
CA LEU A 312 5.37 6.44 -14.92
C LEU A 312 4.13 5.56 -15.14
N LEU A 313 3.43 5.78 -16.24
CA LEU A 313 2.25 5.00 -16.55
C LEU A 313 2.44 4.10 -17.76
N ALA A 314 3.66 4.04 -18.28
CA ALA A 314 3.98 3.20 -19.44
C ALA A 314 4.09 1.74 -19.04
N HIS A 315 4.40 0.87 -20.01
CA HIS A 315 4.52 -0.56 -19.72
C HIS A 315 5.68 -0.84 -18.76
N ASP A 316 5.58 -1.97 -18.06
CA ASP A 316 6.59 -2.40 -17.09
C ASP A 316 7.84 -2.87 -17.82
N PRO A 317 9.03 -2.57 -17.28
CA PRO A 317 9.23 -1.78 -16.05
C PRO A 317 9.37 -0.31 -16.43
N VAL A 318 8.65 0.57 -15.74
CA VAL A 318 8.74 1.98 -16.07
C VAL A 318 10.18 2.47 -15.92
N ASP A 319 10.53 3.48 -16.70
CA ASP A 319 11.88 4.02 -16.70
C ASP A 319 12.34 4.48 -15.31
N PRO A 320 13.47 3.92 -14.81
CA PRO A 320 14.02 4.25 -13.50
C PRO A 320 14.55 5.68 -13.35
N ILE A 321 14.96 6.28 -14.44
CA ILE A 321 15.47 7.65 -14.39
C ILE A 321 14.28 8.59 -14.18
N ALA A 322 13.20 8.34 -14.92
CA ALA A 322 11.99 9.14 -14.78
C ALA A 322 11.50 9.02 -13.34
N VAL A 323 11.52 7.81 -12.80
CA VAL A 323 11.07 7.61 -11.43
C VAL A 323 11.97 8.37 -10.46
N THR A 324 13.28 8.25 -10.63
CA THR A 324 14.21 8.95 -9.73
C THR A 324 14.02 10.46 -9.80
N GLU A 325 13.82 11.00 -11.00
CA GLU A 325 13.62 12.44 -11.14
C GLU A 325 12.31 12.85 -10.48
N ALA A 326 11.31 11.97 -10.57
CA ALA A 326 10.00 12.24 -9.96
C ALA A 326 10.15 12.25 -8.44
N MET A 327 10.94 11.32 -7.92
CA MET A 327 11.16 11.25 -6.47
C MET A 327 11.90 12.48 -5.98
N LEU A 328 12.87 12.96 -6.77
CA LEU A 328 13.62 14.15 -6.39
C LEU A 328 12.69 15.36 -6.28
N LYS A 329 11.77 15.47 -7.23
CA LYS A 329 10.82 16.59 -7.21
C LYS A 329 9.95 16.51 -5.97
N LEU A 330 9.51 15.30 -5.64
CA LEU A 330 8.67 15.10 -4.47
C LEU A 330 9.40 15.45 -3.17
N ALA A 331 10.66 15.03 -3.08
CA ALA A 331 11.44 15.31 -1.88
C ALA A 331 11.71 16.81 -1.70
N LYS A 332 12.11 17.47 -2.78
CA LYS A 332 12.38 18.91 -2.72
C LYS A 332 11.15 19.71 -2.34
N LYS A 333 10.01 19.31 -2.90
CA LYS A 333 8.74 19.96 -2.64
C LYS A 333 8.25 19.84 -1.21
N THR A 334 8.29 18.63 -0.67
CA THR A 334 7.77 18.34 0.66
C THR A 334 8.74 18.28 1.84
N GLY A 335 9.96 17.80 1.61
CA GLY A 335 10.89 17.68 2.71
C GLY A 335 10.78 16.34 3.39
N VAL A 336 10.08 15.40 2.78
CA VAL A 336 9.96 14.05 3.35
C VAL A 336 11.37 13.49 3.29
N LYS A 337 11.76 12.72 4.29
CA LYS A 337 13.12 12.19 4.37
C LYS A 337 13.41 10.90 3.61
N ARG A 338 12.39 10.07 3.43
CA ARG A 338 12.55 8.79 2.77
C ARG A 338 11.38 8.50 1.83
N ILE A 339 11.69 8.12 0.60
CA ILE A 339 10.65 7.79 -0.36
C ILE A 339 10.92 6.38 -0.85
N HIS A 340 10.02 5.45 -0.56
CA HIS A 340 10.19 4.08 -1.00
C HIS A 340 9.21 3.79 -2.13
N PHE A 341 9.76 3.69 -3.33
CA PHE A 341 8.98 3.43 -4.54
C PHE A 341 9.02 1.94 -4.87
N HIS A 342 7.87 1.38 -5.23
CA HIS A 342 7.83 -0.02 -5.62
C HIS A 342 7.04 -0.17 -6.91
N THR A 343 7.52 -1.06 -7.78
CA THR A 343 6.82 -1.33 -9.03
C THR A 343 7.11 -2.78 -9.42
N TYR A 344 6.63 -3.18 -10.59
CA TYR A 344 6.83 -4.55 -11.05
C TYR A 344 8.21 -4.77 -11.66
N GLY A 345 9.12 -5.34 -10.87
CA GLY A 345 10.47 -5.59 -11.36
C GLY A 345 11.61 -5.01 -10.53
N TYR A 346 11.32 -3.96 -9.77
CA TYR A 346 12.35 -3.34 -8.94
C TYR A 346 11.76 -2.32 -7.97
N TYR A 347 12.52 -2.00 -6.93
CA TYR A 347 12.10 -0.98 -5.97
C TYR A 347 13.23 0.04 -5.98
N LEU A 348 12.90 1.26 -5.55
CA LEU A 348 13.87 2.34 -5.42
C LEU A 348 13.58 3.03 -4.10
N ALA A 349 14.62 3.61 -3.50
CA ALA A 349 14.48 4.33 -2.24
C ALA A 349 15.38 5.55 -2.28
N LEU A 350 14.79 6.74 -2.19
CA LEU A 350 15.54 7.98 -2.18
C LEU A 350 15.51 8.49 -0.75
N THR A 351 16.69 8.70 -0.16
CA THR A 351 16.76 9.16 1.21
C THR A 351 17.73 10.33 1.39
N GLU A 352 17.43 11.23 2.32
CA GLU A 352 18.31 12.37 2.57
C GLU A 352 19.53 11.95 3.37
N TYR A 353 19.49 10.72 3.89
CA TYR A 353 20.59 10.16 4.67
C TYR A 353 21.18 8.97 3.93
N LYS A 354 22.31 8.44 4.40
CA LYS A 354 22.98 7.33 3.74
C LYS A 354 23.01 6.05 4.56
N GLY A 355 23.31 4.94 3.91
CA GLY A 355 23.38 3.66 4.60
C GLY A 355 22.93 2.46 3.80
N GLU A 356 23.71 1.38 3.85
CA GLU A 356 23.36 0.17 3.12
C GLU A 356 22.11 -0.48 3.71
N HIS A 357 21.77 -0.11 4.94
CA HIS A 357 20.59 -0.68 5.58
C HIS A 357 19.31 -0.33 4.84
N VAL A 358 19.34 0.75 4.06
CA VAL A 358 18.18 1.15 3.29
C VAL A 358 17.96 0.09 2.22
N ARG A 359 19.04 -0.26 1.51
CA ARG A 359 18.97 -1.26 0.47
C ARG A 359 18.62 -2.64 1.02
N ASP A 360 19.23 -3.02 2.15
CA ASP A 360 18.97 -4.32 2.74
C ASP A 360 17.52 -4.48 3.18
N ALA A 361 16.91 -3.40 3.65
CA ALA A 361 15.51 -3.44 4.07
C ALA A 361 14.65 -3.63 2.83
N LEU A 362 15.08 -3.08 1.70
CA LEU A 362 14.34 -3.24 0.45
C LEU A 362 14.38 -4.72 0.06
N LEU A 363 15.53 -5.34 0.22
CA LEU A 363 15.70 -6.75 -0.11
C LEU A 363 14.79 -7.62 0.75
N PHE A 364 14.71 -7.29 2.04
CA PHE A 364 13.84 -8.03 2.96
C PHE A 364 12.39 -7.92 2.48
N ALA A 365 11.98 -6.70 2.14
CA ALA A 365 10.62 -6.46 1.68
C ALA A 365 10.31 -7.21 0.38
N ALA A 366 11.29 -7.30 -0.51
CA ALA A 366 11.10 -8.00 -1.79
C ALA A 366 10.83 -9.48 -1.54
N LEU A 367 11.50 -10.05 -0.55
CA LEU A 367 11.30 -11.46 -0.21
C LEU A 367 9.91 -11.65 0.35
N ALA A 368 9.48 -10.72 1.19
CA ALA A 368 8.14 -10.79 1.79
C ALA A 368 7.10 -10.68 0.68
N ALA A 369 7.36 -9.80 -0.30
CA ALA A 369 6.45 -9.63 -1.42
C ALA A 369 6.30 -10.93 -2.20
N ALA A 370 7.42 -11.60 -2.44
CA ALA A 370 7.39 -12.87 -3.17
C ALA A 370 6.55 -13.91 -2.43
N ALA A 371 6.80 -14.04 -1.13
CA ALA A 371 6.05 -15.00 -0.31
C ALA A 371 4.55 -14.71 -0.37
N LYS A 372 4.20 -13.43 -0.24
CA LYS A 372 2.81 -12.98 -0.27
C LYS A 372 2.16 -13.26 -1.62
N ALA A 373 2.92 -13.08 -2.70
CA ALA A 373 2.43 -13.31 -4.05
C ALA A 373 2.12 -14.79 -4.27
N MET A 374 2.89 -15.66 -3.64
CA MET A 374 2.71 -17.09 -3.77
C MET A 374 1.50 -17.66 -3.02
N LYS A 375 1.36 -17.31 -1.74
CA LYS A 375 0.28 -17.83 -0.92
C LYS A 375 -0.90 -16.90 -0.63
N GLY A 376 -0.85 -15.67 -1.14
CA GLY A 376 -1.95 -14.75 -0.89
C GLY A 376 -1.87 -14.15 0.50
N ASN A 377 -1.30 -14.92 1.43
CA ASN A 377 -1.13 -14.46 2.81
C ASN A 377 0.09 -15.13 3.42
N ILE A 378 0.85 -14.36 4.20
CA ILE A 378 2.05 -14.90 4.84
C ILE A 378 1.75 -15.45 6.22
N THR A 379 2.37 -16.57 6.55
CA THR A 379 2.18 -17.25 7.83
C THR A 379 3.36 -17.11 8.78
N SER A 380 4.57 -17.10 8.25
CA SER A 380 5.75 -17.00 9.10
C SER A 380 6.95 -16.38 8.39
N LEU A 381 7.95 -16.00 9.17
CA LEU A 381 9.18 -15.42 8.62
C LEU A 381 9.91 -16.46 7.77
N GLU A 382 9.67 -17.73 8.09
CA GLU A 382 10.30 -18.81 7.35
C GLU A 382 9.84 -18.79 5.89
N GLU A 383 8.55 -18.57 5.68
CA GLU A 383 8.00 -18.51 4.33
C GLU A 383 8.72 -17.42 3.54
N ILE A 384 9.13 -16.36 4.24
CA ILE A 384 9.84 -15.26 3.61
C ILE A 384 11.24 -15.70 3.22
N ARG A 385 11.89 -16.45 4.10
CA ARG A 385 13.23 -16.95 3.83
C ARG A 385 13.18 -17.92 2.65
N GLU A 386 12.13 -18.73 2.59
CA GLU A 386 11.96 -19.71 1.51
C GLU A 386 11.87 -19.05 0.13
N ALA A 387 11.37 -17.81 0.12
CA ALA A 387 11.20 -17.07 -1.12
C ALA A 387 12.50 -16.75 -1.85
N THR A 388 13.64 -17.02 -1.20
CA THR A 388 14.92 -16.73 -1.84
C THR A 388 15.10 -17.57 -3.10
N SER A 389 14.36 -18.67 -3.21
CA SER A 389 14.45 -19.53 -4.37
C SER A 389 13.79 -18.91 -5.60
N VAL A 390 12.97 -17.89 -5.39
CA VAL A 390 12.32 -17.20 -6.51
C VAL A 390 13.41 -16.39 -7.20
N PRO A 391 13.65 -16.65 -8.49
CA PRO A 391 14.67 -15.94 -9.26
C PRO A 391 14.45 -14.45 -9.39
N VAL A 392 15.54 -13.70 -9.46
CA VAL A 392 15.47 -12.24 -9.65
C VAL A 392 15.00 -12.10 -11.09
N ASN A 393 14.04 -11.21 -11.34
CA ASN A 393 13.54 -11.06 -12.70
C ASN A 393 14.61 -10.53 -13.66
N GLU A 394 14.58 -11.06 -14.89
CA GLU A 394 15.54 -10.70 -15.92
C GLU A 394 15.50 -9.24 -16.37
N LYS A 395 14.30 -8.70 -16.58
CA LYS A 395 14.17 -7.33 -17.04
C LYS A 395 14.84 -6.30 -16.13
N ALA A 396 15.05 -6.64 -14.87
CA ALA A 396 15.68 -5.71 -13.94
C ALA A 396 17.15 -5.45 -14.29
N THR A 397 17.75 -6.31 -15.09
CA THR A 397 19.15 -6.13 -15.49
C THR A 397 19.31 -4.81 -16.24
N GLN A 398 18.45 -4.57 -17.22
CA GLN A 398 18.49 -3.34 -18.00
C GLN A 398 18.16 -2.12 -17.14
N VAL A 399 17.25 -2.31 -16.19
CA VAL A 399 16.84 -1.22 -15.30
C VAL A 399 18.05 -0.80 -14.47
N GLU A 400 18.77 -1.78 -13.92
CA GLU A 400 19.95 -1.49 -13.12
C GLU A 400 21.00 -0.77 -13.97
N GLU A 401 21.15 -1.18 -15.22
CA GLU A 401 22.14 -0.57 -16.10
C GLU A 401 21.84 0.90 -16.38
N LYS A 402 20.57 1.23 -16.57
CA LYS A 402 20.18 2.61 -16.84
C LYS A 402 20.59 3.47 -15.64
N LEU A 403 20.31 2.97 -14.45
CA LEU A 403 20.64 3.68 -13.22
C LEU A 403 22.15 3.82 -13.01
N ARG A 404 22.91 2.78 -13.36
CA ARG A 404 24.35 2.83 -13.21
C ARG A 404 24.91 3.92 -14.12
N ALA A 405 24.52 3.88 -15.40
CA ALA A 405 24.99 4.85 -16.37
C ALA A 405 24.62 6.29 -16.01
N GLU A 406 23.45 6.48 -15.43
CA GLU A 406 22.96 7.80 -15.06
C GLU A 406 23.47 8.32 -13.72
N TYR A 407 23.42 7.49 -12.69
CA TYR A 407 23.84 7.92 -11.35
C TYR A 407 25.06 7.22 -10.77
N GLY A 408 25.51 6.15 -11.42
CA GLY A 408 26.68 5.43 -10.92
C GLY A 408 26.43 4.54 -9.73
N ILE A 409 25.22 3.97 -9.63
CA ILE A 409 24.94 3.09 -8.50
C ILE A 409 25.84 1.86 -8.55
N LYS A 410 26.22 1.38 -7.38
CA LYS A 410 27.08 0.21 -7.24
C LYS A 410 26.43 -0.68 -6.20
N GLU A 411 26.16 -1.92 -6.59
CA GLU A 411 25.51 -2.88 -5.71
C GLU A 411 24.21 -2.25 -5.20
N GLY A 412 23.54 -1.55 -6.11
CA GLY A 412 22.28 -0.90 -5.79
C GLY A 412 22.32 0.41 -5.01
N ILE A 413 23.51 0.94 -4.77
CA ILE A 413 23.61 2.18 -4.01
C ILE A 413 24.39 3.27 -4.72
N GLY A 414 23.80 4.47 -4.76
CA GLY A 414 24.44 5.60 -5.40
C GLY A 414 23.99 6.89 -4.76
N GLU A 415 24.44 8.02 -5.32
CA GLU A 415 24.06 9.33 -4.80
C GLU A 415 23.64 10.27 -5.92
N VAL A 416 22.66 11.12 -5.62
CA VAL A 416 22.18 12.10 -6.57
C VAL A 416 21.73 13.35 -5.83
N GLU A 417 22.39 14.46 -6.12
CA GLU A 417 22.09 15.74 -5.49
C GLU A 417 22.06 15.69 -3.96
N GLY A 418 22.95 14.89 -3.38
CA GLY A 418 23.02 14.80 -1.94
C GLY A 418 22.22 13.65 -1.34
N TYR A 419 21.20 13.20 -2.06
CA TYR A 419 20.37 12.09 -1.60
C TYR A 419 21.04 10.78 -1.99
N GLN A 420 20.74 9.73 -1.24
CA GLN A 420 21.26 8.42 -1.59
C GLN A 420 20.13 7.78 -2.38
N ILE A 421 20.48 7.10 -3.47
CA ILE A 421 19.46 6.43 -4.27
C ILE A 421 19.79 4.94 -4.14
N ALA A 422 18.83 4.17 -3.65
CA ALA A 422 19.01 2.73 -3.48
C ALA A 422 18.08 1.97 -4.43
N PHE A 423 18.63 0.94 -5.08
CA PHE A 423 17.90 0.12 -6.02
C PHE A 423 18.09 -1.37 -5.77
N ILE A 424 17.06 -2.15 -6.09
CA ILE A 424 17.16 -3.60 -5.98
C ILE A 424 16.30 -4.26 -7.05
N PRO A 425 16.79 -5.37 -7.62
CA PRO A 425 16.04 -6.09 -8.65
C PRO A 425 15.16 -7.03 -7.82
N THR A 426 13.88 -7.12 -8.14
CA THR A 426 12.99 -7.96 -7.33
C THR A 426 12.79 -9.40 -7.82
N LYS A 427 12.25 -10.22 -6.93
CA LYS A 427 11.98 -11.61 -7.21
C LYS A 427 10.50 -11.74 -7.54
N ILE A 428 10.22 -11.93 -8.83
CA ILE A 428 8.87 -12.03 -9.34
C ILE A 428 8.35 -13.47 -9.42
N VAL A 429 7.20 -13.70 -8.79
CA VAL A 429 6.57 -15.03 -8.80
C VAL A 429 5.79 -15.16 -10.12
N ALA A 430 6.08 -16.23 -10.85
CA ALA A 430 5.45 -16.47 -12.14
C ALA A 430 3.93 -16.59 -12.13
N LYS A 431 3.40 -17.35 -11.19
CA LYS A 431 1.95 -17.53 -11.10
C LYS A 431 1.43 -17.13 -9.72
N PRO A 432 1.30 -15.82 -9.48
CA PRO A 432 0.80 -15.32 -8.20
C PRO A 432 -0.69 -15.59 -8.00
N LYS A 433 -1.10 -15.75 -6.75
CA LYS A 433 -2.50 -16.01 -6.44
C LYS A 433 -3.31 -14.74 -6.61
N SER A 434 -2.79 -13.65 -6.06
CA SER A 434 -3.46 -12.36 -6.13
C SER A 434 -2.45 -11.24 -5.89
N THR A 435 -2.85 -10.01 -6.14
CA THR A 435 -1.95 -8.87 -5.97
C THR A 435 -2.32 -7.91 -4.84
N VAL A 436 -3.58 -7.92 -4.43
CA VAL A 436 -4.01 -7.00 -3.37
C VAL A 436 -3.20 -7.16 -2.09
N GLY A 437 -2.75 -6.04 -1.53
CA GLY A 437 -1.99 -6.10 -0.30
C GLY A 437 -0.49 -6.31 -0.42
N ILE A 438 0.03 -6.67 -1.59
CA ILE A 438 1.47 -6.87 -1.71
C ILE A 438 2.20 -5.56 -1.46
N GLY A 439 1.64 -4.47 -1.97
CA GLY A 439 2.27 -3.17 -1.77
C GLY A 439 2.40 -2.85 -0.29
N ASP A 440 1.38 -3.21 0.49
CA ASP A 440 1.41 -2.93 1.93
C ASP A 440 2.49 -3.76 2.61
N THR A 441 2.64 -5.00 2.15
CA THR A 441 3.66 -5.90 2.68
C THR A 441 5.04 -5.33 2.39
N ILE A 442 5.21 -4.82 1.17
CA ILE A 442 6.47 -4.22 0.75
C ILE A 442 6.85 -2.99 1.58
N SER A 443 5.94 -2.02 1.62
CA SER A 443 6.22 -0.79 2.35
C SER A 443 6.43 -0.97 3.86
N SER A 444 5.54 -1.73 4.51
CA SER A 444 5.67 -1.93 5.95
C SER A 444 6.93 -2.72 6.31
N SER A 445 7.23 -3.77 5.54
CA SER A 445 8.40 -4.58 5.82
C SER A 445 9.71 -3.79 5.70
N ALA A 446 9.81 -2.97 4.66
CA ALA A 446 11.02 -2.17 4.45
C ALA A 446 11.17 -1.08 5.51
N PHE A 447 10.07 -0.42 5.86
CA PHE A 447 10.11 0.64 6.86
C PHE A 447 10.51 0.08 8.22
N ILE A 448 9.84 -0.96 8.68
CA ILE A 448 10.15 -1.57 9.97
C ILE A 448 11.52 -2.24 9.91
N GLY A 449 11.80 -2.87 8.77
CA GLY A 449 13.09 -3.54 8.60
C GLY A 449 14.25 -2.57 8.70
N GLU A 450 14.17 -1.47 7.95
CA GLU A 450 15.23 -0.47 7.96
C GLU A 450 15.45 0.06 9.37
N PHE A 451 14.36 0.38 10.06
CA PHE A 451 14.50 0.88 11.42
C PHE A 451 15.13 -0.16 12.34
N SER A 452 14.71 -1.42 12.21
CA SER A 452 15.25 -2.48 13.05
C SER A 452 16.75 -2.63 12.88
N PHE A 453 17.25 -2.32 11.69
CA PHE A 453 18.69 -2.43 11.42
C PHE A 453 19.51 -1.36 12.16
N THR A 454 18.84 -0.36 12.72
CA THR A 454 19.55 0.69 13.43
C THR A 454 19.58 0.42 14.93
N LEU A 455 18.90 -0.64 15.35
CA LEU A 455 18.86 -0.99 16.77
C LEU A 455 20.15 -1.67 17.21
C1 GLC B . -6.77 0.05 0.09
C2 GLC B . -8.16 -0.55 -0.12
C3 GLC B . -8.26 -1.87 0.63
C4 GLC B . -7.09 -2.81 0.30
C5 GLC B . -5.74 -2.09 0.38
C6 GLC B . -4.63 -2.95 -0.20
O1 GLC B . -6.57 0.27 1.44
O2 GLC B . -9.14 0.34 0.36
O3 GLC B . -9.49 -2.50 0.29
O4 GLC B . -7.09 -3.91 1.21
O5 GLC B . -5.75 -0.86 -0.37
O6 GLC B . -3.39 -2.25 -0.20
C2 BGC C . -8.02 -0.47 0.11
C3 BGC C . -8.22 -1.87 0.60
C4 BGC C . -7.08 -2.79 0.22
C5 BGC C . -5.75 -2.15 0.36
C6 BGC C . -4.57 -2.95 -0.29
C1 BGC C . -6.78 0.06 0.31
O1 BGC C . -6.72 1.01 -0.54
O2 BGC C . -9.08 0.45 0.33
O3 BGC C . -9.53 -2.45 0.26
O4 BGC C . -7.10 -3.86 1.15
O5 BGC C . -5.80 -0.83 -0.19
O6 BGC C . -3.35 -2.24 -0.21
P AMP D . 0.55 -1.94 -5.30
O1P AMP D . 0.91 -0.57 -5.66
O2P AMP D . -0.75 -2.36 -5.91
O3P AMP D . 0.56 -2.17 -3.81
O5' AMP D . 1.73 -2.85 -6.01
C5' AMP D . 1.74 -4.31 -5.86
C4' AMP D . 3.24 -4.65 -5.87
O4' AMP D . 3.56 -6.06 -5.60
C3' AMP D . 4.06 -4.22 -7.29
O3' AMP D . 4.56 -2.82 -7.17
C2' AMP D . 5.17 -5.36 -7.32
O2' AMP D . 6.36 -4.93 -6.69
C1' AMP D . 4.58 -6.58 -6.47
N9 AMP D . 4.13 -7.72 -7.30
C8 AMP D . 3.03 -7.82 -8.18
N7 AMP D . 2.89 -9.02 -8.81
C5 AMP D . 3.99 -9.70 -8.28
C6 AMP D . 4.46 -11.03 -8.51
N6 AMP D . 3.79 -11.84 -9.40
N1 AMP D . 5.61 -11.39 -7.80
C2 AMP D . 6.25 -10.55 -6.94
N3 AMP D . 5.87 -9.29 -6.67
C4 AMP D . 4.75 -8.92 -7.36
#